data_3O48
#
_entry.id   3O48
#
_cell.length_a   46.020
_cell.length_b   46.020
_cell.length_c   139.220
_cell.angle_alpha   90.00
_cell.angle_beta   90.00
_cell.angle_gamma   90.00
#
_symmetry.space_group_name_H-M   'P 43 21 2'
#
loop_
_entity.id
_entity.type
_entity.pdbx_description
1 polymer 'Mitochondria fission 1 protein'
2 water water
#
_entity_poly.entity_id   1
_entity_poly.type   'polypeptide(L)'
_entity_poly.pdbx_seq_one_letter_code
;MMTKVDFWPTLKDAYEPLYPQQLEILRQQVVSEGGPTATIQSRFNYAWGLIKSTDVNDERLGVKILTDIYKEAESRRREC
LYYLTIGCYKLGEYSMAKRYVDTLFEHERNNKQVGALKSMVEDKIQKEENLYFQ
;
_entity_poly.pdbx_strand_id   A
#
# COMPACT_ATOMS: atom_id res chain seq x y z
N ASP A 6 15.86 1.43 5.29
CA ASP A 6 14.60 2.22 5.40
C ASP A 6 13.60 1.51 6.31
N PHE A 7 13.07 2.25 7.29
CA PHE A 7 12.05 1.73 8.20
C PHE A 7 10.67 2.21 7.77
N TRP A 8 9.73 1.26 7.68
CA TRP A 8 8.41 1.51 7.12
C TRP A 8 7.31 1.37 8.17
N PRO A 9 6.07 1.78 7.82
CA PRO A 9 4.95 1.59 8.74
C PRO A 9 4.61 0.13 8.98
N THR A 10 4.01 -0.16 10.13
CA THR A 10 3.53 -1.51 10.42
C THR A 10 2.15 -1.73 9.81
N LEU A 11 1.72 -2.99 9.76
CA LEU A 11 0.37 -3.29 9.28
C LEU A 11 -0.67 -2.64 10.21
N LYS A 12 -0.36 -2.63 11.51
CA LYS A 12 -1.17 -1.93 12.51
C LYS A 12 -1.32 -0.43 12.17
N ASP A 13 -0.22 0.23 11.83
CA ASP A 13 -0.24 1.63 11.38
C ASP A 13 -1.18 1.84 10.19
N ALA A 14 -1.24 0.84 9.32
CA ALA A 14 -2.08 0.92 8.12
C ALA A 14 -3.57 0.95 8.41
N TYR A 15 -3.97 0.54 9.62
CA TYR A 15 -5.37 0.55 10.04
C TYR A 15 -5.69 1.72 10.99
N GLU A 16 -4.81 2.72 11.01
CA GLU A 16 -5.01 3.95 11.77
C GLU A 16 -5.31 5.10 10.81
N PRO A 17 -6.60 5.45 10.65
CA PRO A 17 -6.93 6.47 9.65
C PRO A 17 -6.56 7.89 10.06
N LEU A 18 -6.42 8.76 9.06
CA LEU A 18 -6.23 10.19 9.28
C LEU A 18 -7.59 10.81 9.51
N TYR A 19 -7.60 12.01 10.09
CA TYR A 19 -8.82 12.81 10.13
C TYR A 19 -9.22 13.13 8.69
N PRO A 20 -10.52 13.11 8.40
CA PRO A 20 -11.00 13.51 7.07
C PRO A 20 -10.41 14.83 6.60
N GLN A 21 -10.29 15.79 7.52
CA GLN A 21 -9.76 17.11 7.20
C GLN A 21 -8.31 17.03 6.72
N GLN A 22 -7.52 16.14 7.31
CA GLN A 22 -6.12 15.91 6.93
CA GLN A 22 -6.13 15.96 6.91
C GLN A 22 -6.03 15.27 5.54
N LEU A 23 -6.89 14.29 5.29
CA LEU A 23 -6.92 13.61 3.99
C LEU A 23 -7.22 14.62 2.88
N GLU A 24 -8.14 15.53 3.14
CA GLU A 24 -8.49 16.56 2.16
C GLU A 24 -7.32 17.53 1.91
N ILE A 25 -6.59 17.88 2.96
CA ILE A 25 -5.39 18.71 2.82
C ILE A 25 -4.36 18.01 1.92
N LEU A 26 -4.21 16.70 2.07
CA LEU A 26 -3.32 15.92 1.22
C LEU A 26 -3.77 15.93 -0.24
N ARG A 27 -5.08 15.77 -0.46
CA ARG A 27 -5.63 15.83 -1.81
C ARG A 27 -5.35 17.17 -2.46
N GLN A 28 -5.65 18.24 -1.73
CA GLN A 28 -5.45 19.60 -2.25
C GLN A 28 -3.99 19.90 -2.56
N GLN A 29 -3.07 19.38 -1.75
CA GLN A 29 -1.64 19.54 -2.04
C GLN A 29 -1.29 18.96 -3.41
N VAL A 30 -1.82 17.78 -3.73
CA VAL A 30 -1.57 17.17 -5.05
C VAL A 30 -2.15 18.03 -6.18
N VAL A 31 -3.39 18.48 -6.00
CA VAL A 31 -4.05 19.32 -7.00
C VAL A 31 -3.25 20.61 -7.20
N SER A 32 -2.76 21.19 -6.10
CA SER A 32 -1.97 22.43 -6.18
CA SER A 32 -1.96 22.42 -6.15
C SER A 32 -0.66 22.25 -6.94
N GLU A 33 -0.12 21.03 -6.93
CA GLU A 33 1.12 20.70 -7.64
C GLU A 33 0.89 20.26 -9.09
N GLY A 34 -0.38 20.22 -9.50
CA GLY A 34 -0.72 19.88 -10.90
C GLY A 34 -1.16 18.45 -11.12
N GLY A 35 -1.58 17.75 -10.06
CA GLY A 35 -2.12 16.39 -10.20
C GLY A 35 -1.11 15.39 -10.74
N PRO A 36 -1.33 14.88 -11.98
CA PRO A 36 -0.39 13.89 -12.51
C PRO A 36 1.03 14.42 -12.77
N THR A 37 1.20 15.74 -12.79
CA THR A 37 2.54 16.33 -12.90
C THR A 37 3.09 16.77 -11.52
N ALA A 38 2.39 16.40 -10.44
CA ALA A 38 2.84 16.71 -9.08
C ALA A 38 4.05 15.88 -8.71
N THR A 39 4.66 16.20 -7.59
CA THR A 39 5.78 15.42 -7.09
C THR A 39 5.32 14.00 -6.76
N ILE A 40 6.23 13.04 -6.90
CA ILE A 40 5.97 11.68 -6.44
C ILE A 40 5.62 11.68 -4.94
N GLN A 41 6.36 12.43 -4.13
CA GLN A 41 6.12 12.40 -2.68
C GLN A 41 4.71 12.84 -2.30
N SER A 42 4.20 13.92 -2.91
CA SER A 42 2.88 14.42 -2.53
C SER A 42 1.76 13.47 -2.94
N ARG A 43 1.90 12.86 -4.11
CA ARG A 43 0.94 11.86 -4.56
C ARG A 43 1.00 10.62 -3.69
N PHE A 44 2.21 10.21 -3.32
CA PHE A 44 2.41 9.07 -2.41
C PHE A 44 1.73 9.31 -1.06
N ASN A 45 1.95 10.50 -0.49
CA ASN A 45 1.36 10.85 0.77
C ASN A 45 -0.16 10.76 0.74
N TYR A 46 -0.77 11.27 -0.33
CA TYR A 46 -2.22 11.20 -0.50
C TYR A 46 -2.69 9.75 -0.64
N ALA A 47 -2.00 8.98 -1.47
CA ALA A 47 -2.34 7.56 -1.67
C ALA A 47 -2.31 6.79 -0.37
N TRP A 48 -1.29 7.03 0.45
CA TRP A 48 -1.14 6.34 1.71
C TRP A 48 -2.25 6.75 2.69
N GLY A 49 -2.59 8.05 2.71
CA GLY A 49 -3.74 8.52 3.50
C GLY A 49 -5.03 7.82 3.13
N LEU A 50 -5.25 7.66 1.83
CA LEU A 50 -6.43 6.97 1.30
C LEU A 50 -6.43 5.51 1.72
N ILE A 51 -5.27 4.86 1.61
CA ILE A 51 -5.15 3.46 2.03
C ILE A 51 -5.46 3.27 3.52
N LYS A 52 -5.06 4.25 4.34
CA LYS A 52 -5.31 4.20 5.78
C LYS A 52 -6.76 4.45 6.16
N SER A 53 -7.54 5.07 5.27
CA SER A 53 -8.96 5.34 5.53
CA SER A 53 -8.94 5.34 5.57
C SER A 53 -9.73 4.04 5.72
N THR A 54 -10.78 4.08 6.54
CA THR A 54 -11.64 2.92 6.74
C THR A 54 -12.58 2.70 5.56
N ASP A 55 -12.77 3.74 4.74
CA ASP A 55 -13.65 3.67 3.59
C ASP A 55 -13.00 2.85 2.48
N VAL A 56 -13.63 1.74 2.10
CA VAL A 56 -13.09 0.81 1.09
C VAL A 56 -12.89 1.46 -0.29
N ASN A 57 -13.81 2.35 -0.67
CA ASN A 57 -13.67 3.08 -1.94
C ASN A 57 -12.42 3.96 -1.96
N ASP A 58 -12.16 4.64 -0.84
CA ASP A 58 -10.93 5.40 -0.68
C ASP A 58 -9.70 4.51 -0.73
N GLU A 59 -9.76 3.36 -0.05
CA GLU A 59 -8.63 2.42 -0.07
C GLU A 59 -8.33 1.98 -1.50
N ARG A 60 -9.38 1.67 -2.25
CA ARG A 60 -9.25 1.27 -3.65
C ARG A 60 -8.60 2.38 -4.50
N LEU A 61 -9.06 3.60 -4.28
CA LEU A 61 -8.50 4.78 -4.94
C LEU A 61 -7.02 4.97 -4.61
N GLY A 62 -6.65 4.80 -3.34
CA GLY A 62 -5.27 4.90 -2.91
C GLY A 62 -4.36 3.92 -3.61
N VAL A 63 -4.80 2.66 -3.70
CA VAL A 63 -4.03 1.63 -4.38
C VAL A 63 -3.89 1.95 -5.88
N LYS A 64 -4.96 2.47 -6.49
CA LYS A 64 -4.92 2.87 -7.91
C LYS A 64 -3.89 3.99 -8.15
N ILE A 65 -3.91 5.01 -7.30
CA ILE A 65 -2.95 6.10 -7.37
C ILE A 65 -1.54 5.56 -7.14
N LEU A 66 -1.38 4.75 -6.10
CA LEU A 66 -0.06 4.20 -5.77
C LEU A 66 0.51 3.35 -6.90
N THR A 67 -0.34 2.57 -7.57
CA THR A 67 0.06 1.77 -8.72
C THR A 67 0.54 2.68 -9.86
N ASP A 68 -0.17 3.78 -10.09
CA ASP A 68 0.28 4.79 -11.07
C ASP A 68 1.67 5.33 -10.76
N ILE A 69 1.90 5.76 -9.51
CA ILE A 69 3.16 6.41 -9.18
C ILE A 69 4.31 5.39 -9.07
N TYR A 70 4.00 4.15 -8.67
CA TYR A 70 5.00 3.06 -8.69
C TYR A 70 5.71 2.98 -10.03
N LYS A 71 4.93 3.05 -11.12
CA LYS A 71 5.50 2.97 -12.47
C LYS A 71 6.45 4.14 -12.76
N GLU A 72 6.18 5.28 -12.14
CA GLU A 72 7.00 6.48 -12.34
C GLU A 72 8.11 6.68 -11.30
N ALA A 73 8.17 5.80 -10.31
CA ALA A 73 8.93 6.07 -9.07
C ALA A 73 10.44 5.91 -9.13
N GLU A 74 10.97 5.20 -10.13
CA GLU A 74 12.41 5.02 -10.25
C GLU A 74 13.02 4.52 -8.93
N SER A 75 13.66 5.40 -8.14
CA SER A 75 14.41 5.01 -6.95
C SER A 75 13.56 4.63 -5.72
N ARG A 76 12.31 5.10 -5.69
CA ARG A 76 11.42 4.84 -4.55
CA ARG A 76 11.40 4.86 -4.57
C ARG A 76 10.52 3.61 -4.80
N ARG A 77 10.85 2.84 -5.84
CA ARG A 77 10.06 1.68 -6.21
C ARG A 77 9.93 0.60 -5.11
N ARG A 78 11.00 0.34 -4.37
CA ARG A 78 10.94 -0.64 -3.27
C ARG A 78 9.95 -0.22 -2.17
N GLU A 79 10.03 1.04 -1.74
CA GLU A 79 9.09 1.55 -0.75
C GLU A 79 7.67 1.39 -1.26
N CYS A 80 7.44 1.78 -2.52
CA CYS A 80 6.12 1.62 -3.13
C CYS A 80 5.60 0.20 -3.03
N LEU A 81 6.46 -0.80 -3.29
CA LEU A 81 6.02 -2.19 -3.23
C LEU A 81 5.49 -2.57 -1.84
N TYR A 82 6.16 -2.09 -0.80
CA TYR A 82 5.73 -2.38 0.57
C TYR A 82 4.34 -1.78 0.83
N TYR A 83 4.18 -0.51 0.46
CA TYR A 83 2.90 0.15 0.65
C TYR A 83 1.80 -0.45 -0.23
N LEU A 84 2.14 -0.83 -1.46
CA LEU A 84 1.20 -1.53 -2.37
C LEU A 84 0.72 -2.86 -1.79
N THR A 85 1.65 -3.61 -1.21
CA THR A 85 1.31 -4.87 -0.56
C THR A 85 0.29 -4.63 0.55
N ILE A 86 0.56 -3.63 1.38
CA ILE A 86 -0.37 -3.29 2.46
C ILE A 86 -1.75 -2.90 1.91
N GLY A 87 -1.77 -2.01 0.92
CA GLY A 87 -3.03 -1.59 0.31
C GLY A 87 -3.82 -2.78 -0.23
N CYS A 88 -3.15 -3.63 -1.00
CA CYS A 88 -3.81 -4.82 -1.57
C CYS A 88 -4.31 -5.76 -0.47
N TYR A 89 -3.51 -5.92 0.58
CA TYR A 89 -3.88 -6.74 1.73
C TYR A 89 -5.17 -6.23 2.38
N LYS A 90 -5.25 -4.93 2.63
CA LYS A 90 -6.45 -4.34 3.22
C LYS A 90 -7.70 -4.59 2.38
N LEU A 91 -7.53 -4.56 1.06
CA LEU A 91 -8.64 -4.77 0.13
C LEU A 91 -9.03 -6.24 -0.06
N GLY A 92 -8.25 -7.16 0.50
CA GLY A 92 -8.45 -8.58 0.26
C GLY A 92 -7.98 -9.03 -1.11
N GLU A 93 -7.13 -8.21 -1.74
CA GLU A 93 -6.50 -8.54 -3.01
C GLU A 93 -5.24 -9.32 -2.72
N TYR A 94 -5.42 -10.52 -2.19
CA TYR A 94 -4.29 -11.26 -1.63
C TYR A 94 -3.37 -11.81 -2.68
N SER A 95 -3.92 -12.20 -3.83
CA SER A 95 -3.10 -12.70 -4.93
C SER A 95 -2.14 -11.60 -5.42
N MET A 96 -2.62 -10.35 -5.51
CA MET A 96 -1.77 -9.22 -5.91
CA MET A 96 -1.77 -9.22 -5.91
C MET A 96 -0.77 -8.88 -4.81
N ALA A 97 -1.24 -8.87 -3.55
CA ALA A 97 -0.37 -8.61 -2.41
C ALA A 97 0.79 -9.62 -2.38
N LYS A 98 0.49 -10.88 -2.66
CA LYS A 98 1.51 -11.93 -2.69
C LYS A 98 2.56 -11.65 -3.76
N ARG A 99 2.11 -11.26 -4.95
CA ARG A 99 3.06 -10.98 -6.05
C ARG A 99 3.98 -9.80 -5.70
N TYR A 100 3.39 -8.73 -5.18
CA TYR A 100 4.17 -7.55 -4.80
C TYR A 100 5.17 -7.87 -3.68
N VAL A 101 4.72 -8.57 -2.64
CA VAL A 101 5.57 -8.84 -1.48
C VAL A 101 6.68 -9.83 -1.82
N ASP A 102 6.39 -10.79 -2.71
CA ASP A 102 7.42 -11.72 -3.19
C ASP A 102 8.52 -10.98 -3.97
N THR A 103 8.12 -10.06 -4.83
CA THR A 103 9.08 -9.24 -5.58
C THR A 103 9.94 -8.45 -4.59
N LEU A 104 9.31 -7.83 -3.60
CA LEU A 104 10.03 -7.05 -2.58
C LEU A 104 10.98 -7.94 -1.77
N PHE A 105 10.50 -9.13 -1.40
CA PHE A 105 11.26 -10.09 -0.61
C PHE A 105 12.57 -10.51 -1.27
N GLU A 106 12.58 -10.55 -2.61
CA GLU A 106 13.80 -10.89 -3.35
C GLU A 106 14.99 -9.99 -3.01
N HIS A 107 14.72 -8.72 -2.68
CA HIS A 107 15.77 -7.76 -2.30
C HIS A 107 15.78 -7.42 -0.80
N GLU A 108 14.96 -8.13 -0.02
CA GLU A 108 14.78 -7.84 1.40
C GLU A 108 14.65 -9.15 2.17
N ARG A 109 15.44 -10.16 1.82
CA ARG A 109 15.26 -11.52 2.36
C ARG A 109 15.42 -11.60 3.89
N ASN A 110 16.25 -10.74 4.45
CA ASN A 110 16.49 -10.72 5.89
C ASN A 110 15.74 -9.62 6.64
N ASN A 111 14.91 -8.87 5.93
CA ASN A 111 14.20 -7.73 6.52
C ASN A 111 13.00 -8.22 7.34
N LYS A 112 12.99 -7.87 8.63
CA LYS A 112 11.96 -8.37 9.55
C LYS A 112 10.57 -7.87 9.17
N GLN A 113 10.47 -6.59 8.81
CA GLN A 113 9.19 -6.00 8.43
C GLN A 113 8.58 -6.63 7.19
N VAL A 114 9.41 -6.84 6.17
CA VAL A 114 8.95 -7.46 4.93
C VAL A 114 8.53 -8.92 5.18
N GLY A 115 9.31 -9.62 6.00
CA GLY A 115 8.99 -10.99 6.39
C GLY A 115 7.67 -11.08 7.14
N ALA A 116 7.45 -10.15 8.05
CA ALA A 116 6.18 -10.08 8.78
C ALA A 116 5.00 -9.85 7.84
N LEU A 117 5.13 -8.89 6.94
CA LEU A 117 4.04 -8.60 5.99
C LEU A 117 3.77 -9.80 5.08
N LYS A 118 4.82 -10.42 4.58
CA LYS A 118 4.71 -11.61 3.74
C LYS A 118 3.97 -12.74 4.47
N SER A 119 4.29 -12.93 5.75
CA SER A 119 3.64 -13.96 6.55
CA SER A 119 3.64 -13.97 6.55
C SER A 119 2.14 -13.68 6.72
N MET A 120 1.80 -12.40 6.92
CA MET A 120 0.40 -12.03 7.07
C MET A 120 -0.37 -12.26 5.78
N VAL A 121 0.25 -11.92 4.65
CA VAL A 121 -0.34 -12.19 3.34
C VAL A 121 -0.54 -13.71 3.17
N GLU A 122 0.47 -14.50 3.49
CA GLU A 122 0.40 -15.95 3.38
CA GLU A 122 0.39 -15.96 3.37
C GLU A 122 -0.67 -16.56 4.29
N ASP A 123 -0.89 -15.96 5.47
CA ASP A 123 -1.99 -16.40 6.35
C ASP A 123 -3.34 -16.36 5.64
N LYS A 124 -3.62 -15.26 4.96
CA LYS A 124 -4.89 -15.07 4.26
C LYS A 124 -5.00 -15.96 3.02
N ILE A 125 -3.88 -16.15 2.32
CA ILE A 125 -3.83 -17.04 1.17
C ILE A 125 -4.15 -18.47 1.61
N GLN A 126 -3.54 -18.89 2.73
CA GLN A 126 -3.78 -20.22 3.28
C GLN A 126 -5.23 -20.41 3.70
N LYS A 127 -5.86 -19.36 4.22
CA LYS A 127 -7.28 -19.39 4.59
C LYS A 127 -8.15 -19.82 3.40
N GLU A 128 -7.90 -19.22 2.24
CA GLU A 128 -8.63 -19.55 1.02
C GLU A 128 -8.25 -20.95 0.53
N GLU A 129 -6.96 -21.29 0.59
CA GLU A 129 -6.49 -22.63 0.18
C GLU A 129 -7.29 -23.75 0.86
N ASN A 130 -7.57 -23.58 2.15
CA ASN A 130 -8.33 -24.58 2.90
C ASN A 130 -9.67 -24.90 2.25
N LEU A 131 -10.28 -23.88 1.65
CA LEU A 131 -11.64 -24.02 1.09
C LEU A 131 -11.72 -24.99 -0.09
N TYR A 132 -10.61 -25.19 -0.81
CA TYR A 132 -10.61 -26.07 -1.99
C TYR A 132 -10.46 -27.56 -1.66
N PHE A 133 -10.44 -27.90 -0.37
CA PHE A 133 -10.48 -29.30 0.08
C PHE A 133 -11.64 -29.62 1.04
N GLN A 134 -12.49 -28.63 1.30
CA GLN A 134 -13.67 -28.82 2.14
C GLN A 134 -14.83 -29.40 1.35
#